data_1BCH
#
_entry.id   1BCH
#
_cell.length_a   80.490
_cell.length_b   85.010
_cell.length_c   98.710
_cell.angle_alpha   90.00
_cell.angle_beta   104.82
_cell.angle_gamma   90.00
#
_symmetry.space_group_name_H-M   'C 1 2 1'
#
loop_
_entity.id
_entity.type
_entity.pdbx_description
1 polymer 'MANNOSE-BINDING PROTEIN-A'
2 non-polymer 2-acetamido-2-deoxy-alpha-D-galactopyranose
3 non-polymer 'CALCIUM ION'
4 non-polymer 'CHLORIDE ION'
5 non-polymer 2-acetamido-2-deoxy-beta-D-galactopyranose
6 non-polymer 'SODIUM ION'
7 water water
#
_entity_poly.entity_id   1
_entity_poly.type   'polypeptide(L)'
_entity_poly.pdbx_seq_one_letter_code
;AIEVKLANMEAEINTLKSKLELTNKLHAFSMGKKSGKKFFVTNHERMPFSKVKALCSELRGTVAIPRNAEENKAIQEVAK
TSAFLGITDEVTEGQFMYVTGGRLTYSNWKKDQPDDWYGHGLGGGEDCVHIVDNGLWNDISCQASHTAVCEFPA
;
_entity_poly.pdbx_strand_id   1,2,3
#
loop_
_chem_comp.id
_chem_comp.type
_chem_comp.name
_chem_comp.formula
A2G D-saccharide, alpha linking 2-acetamido-2-deoxy-alpha-D-galactopyranose 'C8 H15 N O6'
CA non-polymer 'CALCIUM ION' 'Ca 2'
CL non-polymer 'CHLORIDE ION' 'Cl -1'
NA non-polymer 'SODIUM ION' 'Na 1'
NGA D-saccharide, beta linking 2-acetamido-2-deoxy-beta-D-galactopyranose 'C8 H15 N O6'
#
# COMPACT_ATOMS: atom_id res chain seq x y z
N ALA A 1 15.76 -20.82 -35.69
CA ALA A 1 15.98 -19.46 -35.13
C ALA A 1 14.66 -18.78 -34.79
N ILE A 2 13.91 -18.40 -35.81
CA ILE A 2 12.64 -17.70 -35.64
C ILE A 2 11.69 -18.37 -34.66
N GLU A 3 11.41 -19.66 -34.89
CA GLU A 3 10.49 -20.39 -34.06
C GLU A 3 10.96 -20.58 -32.62
N VAL A 4 12.27 -20.68 -32.42
CA VAL A 4 12.80 -20.80 -31.07
C VAL A 4 12.59 -19.47 -30.34
N LYS A 5 12.82 -18.37 -31.04
CA LYS A 5 12.64 -17.05 -30.43
C LYS A 5 11.17 -16.82 -30.08
N LEU A 6 10.27 -17.31 -30.93
CA LEU A 6 8.87 -17.14 -30.66
C LEU A 6 8.47 -17.92 -29.42
N ALA A 7 9.01 -19.13 -29.28
CA ALA A 7 8.70 -19.96 -28.12
C ALA A 7 9.22 -19.32 -26.85
N ASN A 8 10.42 -18.75 -26.89
CA ASN A 8 10.95 -18.08 -25.70
C ASN A 8 10.09 -16.86 -25.37
N MET A 9 9.63 -16.17 -26.40
CA MET A 9 8.80 -14.99 -26.16
C MET A 9 7.50 -15.40 -25.48
N GLU A 10 6.92 -16.52 -25.91
CA GLU A 10 5.71 -16.99 -25.29
C GLU A 10 5.97 -17.23 -23.79
N ALA A 11 7.11 -17.85 -23.50
CA ALA A 11 7.50 -18.14 -22.11
C ALA A 11 7.74 -16.87 -21.30
N GLU A 12 8.39 -15.88 -21.91
CA GLU A 12 8.67 -14.59 -21.26
C GLU A 12 7.34 -13.93 -20.89
N ILE A 13 6.41 -13.94 -21.84
CA ILE A 13 5.10 -13.34 -21.61
C ILE A 13 4.35 -14.04 -20.49
N ASN A 14 4.39 -15.36 -20.46
CA ASN A 14 3.69 -16.07 -19.39
C ASN A 14 4.31 -15.80 -18.02
N THR A 15 5.62 -15.72 -17.94
CA THR A 15 6.23 -15.44 -16.64
C THR A 15 5.85 -14.03 -16.21
N LEU A 16 5.70 -13.12 -17.18
CA LEU A 16 5.28 -11.76 -16.84
C LEU A 16 3.84 -11.78 -16.30
N LYS A 17 2.95 -12.52 -16.97
CA LYS A 17 1.55 -12.63 -16.53
C LYS A 17 1.51 -13.16 -15.10
N SER A 18 2.34 -14.16 -14.86
CA SER A 18 2.44 -14.79 -13.55
C SER A 18 2.91 -13.81 -12.48
N LYS A 19 3.98 -13.08 -12.78
CA LYS A 19 4.50 -12.12 -11.83
C LYS A 19 3.53 -10.98 -11.54
N LEU A 20 2.79 -10.54 -12.55
CA LEU A 20 1.84 -9.45 -12.38
C LEU A 20 0.68 -9.89 -11.48
N GLU A 21 0.26 -11.15 -11.63
CA GLU A 21 -0.82 -11.69 -10.82
C GLU A 21 -0.36 -11.66 -9.36
N LEU A 22 0.89 -12.08 -9.15
CA LEU A 22 1.47 -12.09 -7.82
C LEU A 22 1.54 -10.67 -7.24
N THR A 23 1.93 -9.71 -8.07
CA THR A 23 1.98 -8.31 -7.61
C THR A 23 0.58 -7.88 -7.16
N ASN A 24 -0.44 -8.19 -7.96
CA ASN A 24 -1.82 -7.83 -7.61
C ASN A 24 -2.25 -8.51 -6.31
N LYS A 25 -1.91 -9.78 -6.15
CA LYS A 25 -2.27 -10.52 -4.96
C LYS A 25 -1.59 -9.91 -3.72
N LEU A 26 -0.28 -9.68 -3.82
CA LEU A 26 0.46 -9.09 -2.72
C LEU A 26 -0.09 -7.71 -2.35
N HIS A 27 -0.38 -6.87 -3.36
CA HIS A 27 -0.93 -5.53 -3.10
C HIS A 27 -2.21 -5.63 -2.28
N ALA A 28 -3.14 -6.44 -2.74
CA ALA A 28 -4.41 -6.61 -2.06
C ALA A 28 -4.16 -7.08 -0.63
N PHE A 29 -3.34 -8.13 -0.49
CA PHE A 29 -3.01 -8.69 0.83
C PHE A 29 -2.46 -7.62 1.77
N SER A 30 -1.53 -6.80 1.28
CA SER A 30 -0.93 -5.76 2.13
C SER A 30 -1.88 -4.61 2.41
N MET A 31 -2.95 -4.49 1.63
CA MET A 31 -3.94 -3.43 1.84
C MET A 31 -5.05 -3.90 2.76
N GLY A 32 -4.97 -5.16 3.20
CA GLY A 32 -5.97 -5.69 4.11
C GLY A 32 -7.06 -6.61 3.57
N LYS A 33 -6.98 -7.03 2.31
CA LYS A 33 -8.02 -7.91 1.79
C LYS A 33 -8.02 -9.23 2.57
N LYS A 34 -9.18 -9.58 3.14
CA LYS A 34 -9.33 -10.81 3.91
C LYS A 34 -9.73 -11.92 2.96
N SER A 35 -9.36 -13.14 3.30
CA SER A 35 -9.69 -14.30 2.48
C SER A 35 -11.20 -14.43 2.33
N GLY A 36 -11.67 -14.60 1.10
CA GLY A 36 -13.09 -14.75 0.87
C GLY A 36 -13.94 -13.50 1.11
N LYS A 37 -13.28 -12.35 1.25
CA LYS A 37 -13.99 -11.11 1.47
C LYS A 37 -13.61 -10.15 0.35
N LYS A 38 -14.55 -9.28 -0.02
CA LYS A 38 -14.28 -8.29 -1.07
C LYS A 38 -13.36 -7.29 -0.40
N PHE A 39 -12.61 -6.52 -1.17
CA PHE A 39 -11.78 -5.55 -0.48
C PHE A 39 -12.02 -4.13 -0.93
N PHE A 40 -12.14 -3.27 0.06
CA PHE A 40 -12.44 -1.86 -0.12
C PHE A 40 -11.19 -1.00 -0.07
N VAL A 41 -11.10 -0.05 -0.99
CA VAL A 41 -9.95 0.82 -1.05
C VAL A 41 -10.40 2.27 -1.24
N THR A 42 -9.66 3.22 -0.67
CA THR A 42 -9.98 4.63 -0.79
C THR A 42 -8.70 5.47 -0.82
N ASN A 43 -8.78 6.65 -1.45
CA ASN A 43 -7.64 7.57 -1.50
C ASN A 43 -7.99 8.76 -0.59
N HIS A 44 -9.12 8.63 0.11
CA HIS A 44 -9.61 9.67 1.03
C HIS A 44 -9.98 10.99 0.38
N GLU A 45 -10.26 10.96 -0.92
CA GLU A 45 -10.62 12.18 -1.61
C GLU A 45 -12.14 12.29 -1.69
N ARG A 46 -12.67 13.49 -1.45
CA ARG A 46 -14.11 13.70 -1.53
C ARG A 46 -14.39 14.23 -2.94
N MET A 47 -15.49 13.79 -3.54
CA MET A 47 -15.85 14.22 -4.89
C MET A 47 -17.32 13.87 -5.17
N PRO A 48 -17.93 14.52 -6.17
CA PRO A 48 -19.34 14.25 -6.52
C PRO A 48 -19.49 12.78 -6.91
N PHE A 49 -20.71 12.24 -6.76
CA PHE A 49 -20.95 10.83 -7.05
C PHE A 49 -20.52 10.41 -8.46
N SER A 50 -20.82 11.21 -9.48
CA SER A 50 -20.45 10.83 -10.83
C SER A 50 -18.94 10.60 -10.96
N LYS A 51 -18.14 11.37 -10.22
CA LYS A 51 -16.68 11.23 -10.25
C LYS A 51 -16.24 9.96 -9.57
N VAL A 52 -16.87 9.63 -8.45
CA VAL A 52 -16.54 8.40 -7.73
C VAL A 52 -16.81 7.21 -8.64
N LYS A 53 -17.99 7.18 -9.26
CA LYS A 53 -18.34 6.08 -10.17
C LYS A 53 -17.29 5.94 -11.25
N ALA A 54 -16.97 7.06 -11.90
CA ALA A 54 -16.00 7.06 -12.99
C ALA A 54 -14.65 6.51 -12.52
N LEU A 55 -14.21 6.96 -11.36
CA LEU A 55 -12.93 6.52 -10.81
C LEU A 55 -12.90 5.02 -10.50
N CYS A 56 -13.88 4.53 -9.75
CA CYS A 56 -13.90 3.11 -9.43
C CYS A 56 -13.96 2.27 -10.72
N SER A 57 -14.73 2.73 -11.69
CA SER A 57 -14.85 2.04 -12.97
C SER A 57 -13.51 2.04 -13.70
N GLU A 58 -12.76 3.13 -13.58
CA GLU A 58 -11.46 3.21 -14.23
C GLU A 58 -10.54 2.16 -13.61
N LEU A 59 -10.73 1.88 -12.32
CA LEU A 59 -9.90 0.90 -11.62
C LEU A 59 -10.44 -0.53 -11.74
N ARG A 60 -11.49 -0.70 -12.54
CA ARG A 60 -12.10 -2.02 -12.73
C ARG A 60 -12.78 -2.53 -11.47
N GLY A 61 -13.33 -1.60 -10.71
CA GLY A 61 -14.03 -1.94 -9.50
C GLY A 61 -15.34 -1.17 -9.55
N THR A 62 -16.03 -1.04 -8.42
CA THR A 62 -17.29 -0.31 -8.40
C THR A 62 -17.35 0.46 -7.10
N VAL A 63 -18.31 1.38 -7.00
CA VAL A 63 -18.48 2.15 -5.78
C VAL A 63 -18.90 1.16 -4.69
N ALA A 64 -18.27 1.24 -3.52
CA ALA A 64 -18.57 0.34 -2.41
C ALA A 64 -20.04 0.13 -2.09
N ILE A 65 -20.42 -1.13 -1.88
CA ILE A 65 -21.79 -1.51 -1.55
C ILE A 65 -21.85 -2.46 -0.34
N PRO A 66 -22.46 -2.02 0.77
CA PRO A 66 -22.59 -2.86 1.96
C PRO A 66 -23.77 -3.81 1.75
N ARG A 67 -23.49 -5.12 1.66
CA ARG A 67 -24.52 -6.14 1.46
C ARG A 67 -25.00 -6.73 2.79
N ASN A 68 -24.40 -6.31 3.90
CA ASN A 68 -24.77 -6.77 5.23
C ASN A 68 -24.05 -5.91 6.26
N ALA A 69 -24.38 -6.09 7.54
CA ALA A 69 -23.78 -5.31 8.60
C ALA A 69 -22.26 -5.43 8.67
N GLU A 70 -21.72 -6.61 8.39
CA GLU A 70 -20.28 -6.80 8.43
C GLU A 70 -19.58 -5.93 7.39
N GLU A 71 -20.07 -5.98 6.16
CA GLU A 71 -19.46 -5.19 5.10
C GLU A 71 -19.64 -3.70 5.40
N ASN A 72 -20.79 -3.33 5.98
CA ASN A 72 -21.05 -1.92 6.31
C ASN A 72 -20.00 -1.44 7.30
N LYS A 73 -19.64 -2.28 8.25
CA LYS A 73 -18.62 -1.93 9.24
C LYS A 73 -17.28 -1.82 8.52
N ALA A 74 -17.00 -2.79 7.66
CA ALA A 74 -15.74 -2.79 6.91
C ALA A 74 -15.57 -1.49 6.11
N ILE A 75 -16.63 -1.07 5.43
CA ILE A 75 -16.57 0.15 4.64
C ILE A 75 -16.36 1.39 5.53
N GLN A 76 -17.07 1.49 6.64
CA GLN A 76 -16.87 2.66 7.50
C GLN A 76 -15.44 2.67 8.04
N GLU A 77 -14.90 1.48 8.32
CA GLU A 77 -13.54 1.35 8.82
C GLU A 77 -12.56 1.94 7.80
N VAL A 78 -12.75 1.58 6.54
CA VAL A 78 -11.90 2.04 5.46
C VAL A 78 -12.06 3.53 5.15
N ALA A 79 -13.32 4.00 5.13
CA ALA A 79 -13.59 5.40 4.81
C ALA A 79 -13.08 6.39 5.84
N LYS A 80 -13.31 6.10 7.13
CA LYS A 80 -12.89 6.96 8.23
C LYS A 80 -13.61 8.31 8.21
N THR A 81 -14.34 8.55 7.13
CA THR A 81 -15.10 9.78 6.95
C THR A 81 -16.30 9.43 6.07
N SER A 82 -17.22 10.37 5.92
CA SER A 82 -18.41 10.12 5.13
C SER A 82 -18.09 9.74 3.67
N ALA A 83 -18.60 8.59 3.24
CA ALA A 83 -18.36 8.11 1.89
C ALA A 83 -19.62 7.73 1.12
N PHE A 84 -19.59 7.91 -0.21
CA PHE A 84 -20.71 7.53 -1.05
C PHE A 84 -20.80 6.00 -1.14
N LEU A 85 -22.00 5.47 -1.31
CA LEU A 85 -22.21 4.03 -1.47
C LEU A 85 -22.78 3.82 -2.88
N GLY A 86 -22.61 2.63 -3.42
CA GLY A 86 -23.12 2.34 -4.76
C GLY A 86 -24.61 2.07 -4.77
N ILE A 87 -25.38 2.99 -4.20
CA ILE A 87 -26.82 2.84 -4.11
C ILE A 87 -27.50 4.18 -4.43
N THR A 88 -28.51 4.18 -5.31
CA THR A 88 -29.20 5.44 -5.60
C THR A 88 -30.63 5.15 -6.01
N ASP A 89 -31.45 6.19 -6.02
CA ASP A 89 -32.83 6.04 -6.47
C ASP A 89 -33.06 7.06 -7.60
N GLU A 90 -32.03 7.24 -8.44
CA GLU A 90 -32.09 8.17 -9.58
C GLU A 90 -33.05 7.69 -10.67
N VAL A 91 -33.13 6.37 -10.85
CA VAL A 91 -33.98 5.80 -11.90
C VAL A 91 -35.47 5.98 -11.58
N THR A 92 -35.86 5.61 -10.37
CA THR A 92 -37.24 5.73 -9.90
C THR A 92 -37.21 6.22 -8.46
N GLU A 93 -37.63 7.47 -8.24
CA GLU A 93 -37.63 8.09 -6.93
C GLU A 93 -38.27 7.18 -5.89
N GLY A 94 -37.58 6.99 -4.77
CA GLY A 94 -38.11 6.15 -3.72
C GLY A 94 -37.71 4.69 -3.82
N GLN A 95 -37.24 4.25 -4.97
CA GLN A 95 -36.83 2.86 -5.11
C GLN A 95 -35.32 2.76 -5.28
N PHE A 96 -34.61 2.63 -4.16
CA PHE A 96 -33.17 2.53 -4.23
C PHE A 96 -32.72 1.23 -4.89
N MET A 97 -31.68 1.34 -5.70
CA MET A 97 -31.13 0.22 -6.46
C MET A 97 -29.61 0.26 -6.37
N TYR A 98 -28.97 -0.89 -6.55
CA TYR A 98 -27.53 -0.95 -6.54
C TYR A 98 -27.05 -0.43 -7.89
N VAL A 99 -25.92 0.27 -7.92
CA VAL A 99 -25.43 0.78 -9.20
C VAL A 99 -25.15 -0.37 -10.15
N THR A 100 -24.93 -1.56 -9.59
CA THR A 100 -24.67 -2.73 -10.40
C THR A 100 -25.96 -3.50 -10.70
N GLY A 101 -27.10 -2.88 -10.38
CA GLY A 101 -28.38 -3.50 -10.67
C GLY A 101 -29.05 -4.26 -9.54
N GLY A 102 -30.37 -4.12 -9.46
CA GLY A 102 -31.14 -4.79 -8.44
C GLY A 102 -31.66 -3.90 -7.33
N ARG A 103 -32.82 -4.25 -6.79
CA ARG A 103 -33.43 -3.47 -5.71
C ARG A 103 -32.68 -3.66 -4.40
N LEU A 104 -32.65 -2.59 -3.61
CA LEU A 104 -31.95 -2.57 -2.33
C LEU A 104 -32.58 -3.58 -1.38
N THR A 105 -31.75 -4.38 -0.71
CA THR A 105 -32.28 -5.33 0.26
C THR A 105 -31.79 -4.90 1.64
N TYR A 106 -30.60 -5.33 2.03
CA TYR A 106 -30.07 -4.92 3.33
C TYR A 106 -29.92 -3.39 3.34
N SER A 107 -30.34 -2.75 4.43
CA SER A 107 -30.19 -1.30 4.53
C SER A 107 -29.85 -0.90 5.96
N ASN A 108 -29.30 0.29 6.14
CA ASN A 108 -28.97 0.72 7.49
C ASN A 108 -29.19 2.22 7.64
N TRP A 109 -30.39 2.67 7.25
CA TRP A 109 -30.74 4.08 7.31
C TRP A 109 -30.78 4.69 8.70
N LYS A 110 -30.37 5.94 8.77
CA LYS A 110 -30.39 6.73 9.99
C LYS A 110 -31.88 7.03 10.19
N LYS A 111 -32.28 7.29 11.43
CA LYS A 111 -33.69 7.60 11.70
C LYS A 111 -34.13 8.76 10.83
N ASP A 112 -35.35 8.69 10.30
CA ASP A 112 -35.92 9.77 9.48
C ASP A 112 -35.28 9.92 8.08
N GLN A 113 -34.58 8.87 7.64
CA GLN A 113 -33.97 8.88 6.31
C GLN A 113 -34.39 7.57 5.66
N PRO A 114 -34.49 7.54 4.31
CA PRO A 114 -34.26 8.59 3.31
C PRO A 114 -35.44 9.57 3.26
N ASP A 115 -35.16 10.84 2.99
CA ASP A 115 -36.22 11.85 2.96
C ASP A 115 -36.23 12.70 1.69
N ASP A 116 -35.42 12.31 0.71
CA ASP A 116 -35.33 13.03 -0.58
C ASP A 116 -35.41 14.54 -0.35
N TRP A 117 -34.59 15.04 0.56
CA TRP A 117 -34.56 16.46 0.94
C TRP A 117 -34.17 17.42 -0.18
N TYR A 118 -34.88 18.55 -0.27
CA TYR A 118 -34.57 19.55 -1.29
C TYR A 118 -33.84 20.77 -0.74
N GLY A 119 -34.04 21.04 0.55
CA GLY A 119 -33.43 22.20 1.20
C GLY A 119 -31.94 22.47 1.04
N HIS A 120 -31.19 21.49 0.55
CA HIS A 120 -29.75 21.65 0.36
C HIS A 120 -29.40 22.70 -0.72
N GLY A 121 -30.37 23.08 -1.53
CA GLY A 121 -30.13 24.08 -2.55
C GLY A 121 -29.18 23.73 -3.68
N LEU A 122 -28.79 22.47 -3.81
CA LEU A 122 -27.89 22.08 -4.89
C LEU A 122 -28.74 21.80 -6.12
N GLY A 123 -30.05 21.72 -5.93
CA GLY A 123 -30.95 21.45 -7.03
C GLY A 123 -31.43 20.01 -7.01
N GLY A 124 -32.74 19.81 -7.02
CA GLY A 124 -33.29 18.46 -7.00
C GLY A 124 -33.31 17.91 -5.58
N GLY A 125 -33.75 16.67 -5.43
CA GLY A 125 -33.80 16.06 -4.11
C GLY A 125 -32.50 15.38 -3.73
N GLU A 126 -32.60 14.19 -3.15
CA GLU A 126 -31.43 13.41 -2.78
C GLU A 126 -31.64 12.01 -3.35
N ASP A 127 -30.81 11.64 -4.33
CA ASP A 127 -30.91 10.35 -4.99
C ASP A 127 -29.70 9.46 -4.79
N CYS A 128 -28.72 9.93 -4.03
CA CYS A 128 -27.54 9.14 -3.74
C CYS A 128 -27.52 8.82 -2.24
N VAL A 129 -26.56 8.01 -1.84
CA VAL A 129 -26.47 7.58 -0.44
C VAL A 129 -25.03 7.62 0.07
N HIS A 130 -24.86 8.06 1.31
CA HIS A 130 -23.54 8.07 1.91
C HIS A 130 -23.63 7.50 3.31
N ILE A 131 -22.54 6.87 3.74
CA ILE A 131 -22.45 6.28 5.07
C ILE A 131 -21.75 7.32 5.92
N VAL A 132 -22.37 7.71 7.04
CA VAL A 132 -21.79 8.71 7.91
C VAL A 132 -21.06 8.11 9.10
N ASP A 133 -20.69 8.97 10.05
CA ASP A 133 -19.98 8.54 11.26
C ASP A 133 -20.96 7.88 12.23
N ASN A 134 -20.87 6.54 12.29
CA ASN A 134 -21.68 5.67 13.14
C ASN A 134 -22.14 4.51 12.24
N GLY A 135 -21.83 4.62 10.96
CA GLY A 135 -22.18 3.57 10.02
C GLY A 135 -23.57 3.68 9.41
N LEU A 136 -24.40 4.57 9.94
CA LEU A 136 -25.75 4.73 9.41
C LEU A 136 -25.75 5.43 8.05
N TRP A 137 -26.84 5.25 7.30
CA TRP A 137 -26.97 5.82 5.98
C TRP A 137 -27.91 7.00 5.89
N ASN A 138 -27.65 7.88 4.92
CA ASN A 138 -28.47 9.04 4.67
C ASN A 138 -28.57 9.25 3.17
N ASP A 139 -29.74 9.61 2.64
CA ASP A 139 -29.78 9.90 1.22
C ASP A 139 -29.27 11.34 1.10
N ILE A 140 -28.41 11.59 0.10
CA ILE A 140 -27.81 12.90 -0.05
C ILE A 140 -27.74 13.25 -1.54
N SER A 141 -27.52 14.52 -1.85
CA SER A 141 -27.43 14.94 -3.24
C SER A 141 -26.23 14.30 -3.91
N CYS A 142 -26.44 13.76 -5.11
CA CYS A 142 -25.39 13.13 -5.91
C CYS A 142 -24.34 14.18 -6.30
N GLN A 143 -24.72 15.45 -6.18
CA GLN A 143 -23.83 16.55 -6.51
C GLN A 143 -22.94 16.95 -5.36
N ALA A 144 -23.27 16.48 -4.15
CA ALA A 144 -22.44 16.79 -2.99
C ALA A 144 -21.17 15.97 -3.12
N SER A 145 -20.12 16.41 -2.43
CA SER A 145 -18.82 15.72 -2.47
C SER A 145 -18.56 14.88 -1.22
N HIS A 146 -18.39 13.57 -1.42
CA HIS A 146 -18.09 12.67 -0.32
C HIS A 146 -16.97 11.71 -0.72
N THR A 147 -16.35 11.09 0.29
CA THR A 147 -15.22 10.19 0.06
C THR A 147 -15.44 9.04 -0.90
N ALA A 148 -14.48 8.84 -1.79
CA ALA A 148 -14.54 7.78 -2.77
C ALA A 148 -13.99 6.47 -2.21
N VAL A 149 -14.83 5.44 -2.18
CA VAL A 149 -14.43 4.13 -1.70
C VAL A 149 -14.87 3.12 -2.74
N CYS A 150 -13.92 2.38 -3.28
CA CYS A 150 -14.20 1.40 -4.31
C CYS A 150 -14.12 -0.01 -3.74
N GLU A 151 -14.86 -0.94 -4.33
CA GLU A 151 -14.80 -2.31 -3.88
C GLU A 151 -14.36 -3.17 -5.05
N PHE A 152 -13.69 -4.27 -4.72
CA PHE A 152 -13.22 -5.24 -5.69
C PHE A 152 -13.72 -6.58 -5.14
N PRO A 153 -13.99 -7.54 -6.04
CA PRO A 153 -14.49 -8.88 -5.69
C PRO A 153 -13.71 -9.72 -4.68
N ALA A 154 -14.45 -10.55 -3.96
CA ALA A 154 -13.86 -11.46 -2.98
C ALA A 154 -12.82 -12.34 -3.67
N ALA B 1 8.85 -7.10 -41.89
CA ALA B 1 9.83 -8.19 -41.64
C ALA B 1 9.61 -8.80 -40.27
N ILE B 2 9.34 -10.10 -40.23
CA ILE B 2 9.07 -10.76 -38.97
C ILE B 2 10.24 -10.74 -37.98
N GLU B 3 11.48 -10.76 -38.46
CA GLU B 3 12.59 -10.72 -37.54
C GLU B 3 12.64 -9.39 -36.80
N VAL B 4 12.40 -8.30 -37.52
CA VAL B 4 12.40 -6.97 -36.93
C VAL B 4 11.24 -6.84 -35.94
N LYS B 5 10.07 -7.33 -36.37
CA LYS B 5 8.87 -7.30 -35.55
C LYS B 5 9.13 -8.06 -34.24
N LEU B 6 9.80 -9.20 -34.37
CA LEU B 6 10.14 -10.04 -33.22
C LEU B 6 11.12 -9.32 -32.29
N ALA B 7 12.13 -8.68 -32.87
CA ALA B 7 13.11 -7.94 -32.08
C ALA B 7 12.43 -6.82 -31.31
N ASN B 8 11.55 -6.09 -32.01
CA ASN B 8 10.81 -5.00 -31.41
C ASN B 8 9.95 -5.46 -30.24
N MET B 9 9.31 -6.63 -30.39
CA MET B 9 8.48 -7.13 -29.30
C MET B 9 9.33 -7.59 -28.12
N GLU B 10 10.53 -8.12 -28.37
CA GLU B 10 11.42 -8.52 -27.29
C GLU B 10 11.75 -7.27 -26.46
N ALA B 11 11.99 -6.17 -27.15
CA ALA B 11 12.32 -4.92 -26.48
C ALA B 11 11.14 -4.42 -25.62
N GLU B 12 9.93 -4.53 -26.16
CA GLU B 12 8.72 -4.13 -25.45
C GLU B 12 8.55 -4.94 -24.17
N ILE B 13 8.81 -6.24 -24.27
CA ILE B 13 8.71 -7.11 -23.13
C ILE B 13 9.74 -6.72 -22.08
N ASN B 14 10.97 -6.46 -22.50
CA ASN B 14 11.99 -6.06 -21.53
C ASN B 14 11.61 -4.77 -20.80
N THR B 15 10.93 -3.89 -21.50
CA THR B 15 10.49 -2.64 -20.87
C THR B 15 9.42 -2.93 -19.83
N LEU B 16 8.48 -3.82 -20.15
CA LEU B 16 7.44 -4.19 -19.20
C LEU B 16 8.03 -4.88 -17.98
N LYS B 17 9.03 -5.74 -18.20
CA LYS B 17 9.67 -6.44 -17.09
C LYS B 17 10.31 -5.39 -16.17
N SER B 18 10.92 -4.36 -16.76
CA SER B 18 11.57 -3.31 -15.97
C SER B 18 10.53 -2.51 -15.21
N LYS B 19 9.42 -2.19 -15.87
CA LYS B 19 8.34 -1.44 -15.23
C LYS B 19 7.72 -2.23 -14.09
N LEU B 20 7.57 -3.55 -14.26
CA LEU B 20 6.98 -4.35 -13.19
C LEU B 20 7.90 -4.39 -11.98
N GLU B 21 9.19 -4.51 -12.21
CA GLU B 21 10.17 -4.51 -11.13
C GLU B 21 10.04 -3.16 -10.41
N LEU B 22 9.86 -2.08 -11.16
CA LEU B 22 9.71 -0.75 -10.56
C LEU B 22 8.45 -0.71 -9.68
N THR B 23 7.36 -1.27 -10.20
CA THR B 23 6.11 -1.33 -9.46
C THR B 23 6.31 -2.05 -8.11
N ASN B 24 6.99 -3.19 -8.16
CA ASN B 24 7.26 -3.97 -6.94
C ASN B 24 8.11 -3.15 -5.95
N LYS B 25 9.15 -2.50 -6.45
CA LYS B 25 9.99 -1.70 -5.54
C LYS B 25 9.22 -0.54 -4.91
N LEU B 26 8.38 0.14 -5.70
CA LEU B 26 7.61 1.26 -5.16
C LEU B 26 6.64 0.80 -4.11
N HIS B 27 5.95 -0.31 -4.38
CA HIS B 27 4.99 -0.87 -3.42
C HIS B 27 5.68 -1.13 -2.09
N ALA B 28 6.81 -1.85 -2.14
CA ALA B 28 7.55 -2.14 -0.91
C ALA B 28 7.93 -0.84 -0.19
N PHE B 29 8.51 0.10 -0.93
CA PHE B 29 8.90 1.39 -0.38
C PHE B 29 7.73 2.06 0.34
N SER B 30 6.61 2.18 -0.38
CA SER B 30 5.41 2.82 0.15
C SER B 30 4.87 2.12 1.40
N MET B 31 5.20 0.84 1.56
CA MET B 31 4.75 0.06 2.70
C MET B 31 5.77 0.01 3.83
N GLY B 32 6.87 0.76 3.69
CA GLY B 32 7.87 0.82 4.73
C GLY B 32 9.08 -0.10 4.68
N LYS B 33 9.36 -0.73 3.54
CA LYS B 33 10.54 -1.60 3.50
C LYS B 33 11.80 -0.77 3.66
N LYS B 34 12.63 -1.15 4.62
CA LYS B 34 13.90 -0.47 4.89
C LYS B 34 15.02 -1.09 4.07
N SER B 35 16.00 -0.26 3.68
CA SER B 35 17.13 -0.75 2.90
C SER B 35 17.86 -1.86 3.65
N GLY B 36 18.18 -2.94 2.95
CA GLY B 36 18.88 -4.04 3.58
C GLY B 36 18.11 -4.74 4.70
N LYS B 37 16.82 -4.46 4.79
CA LYS B 37 16.01 -5.10 5.82
C LYS B 37 14.91 -5.93 5.16
N LYS B 38 14.47 -6.98 5.84
CA LYS B 38 13.41 -7.82 5.29
C LYS B 38 12.11 -7.04 5.26
N PHE B 39 11.20 -7.47 4.39
CA PHE B 39 9.91 -6.83 4.22
C PHE B 39 8.83 -7.72 4.82
N PHE B 40 8.21 -7.26 5.91
CA PHE B 40 7.15 -7.99 6.60
C PHE B 40 5.80 -7.37 6.26
N VAL B 41 4.83 -8.20 5.93
CA VAL B 41 3.51 -7.68 5.56
C VAL B 41 2.39 -8.54 6.12
N THR B 42 1.25 -7.90 6.40
CA THR B 42 0.09 -8.61 6.94
C THR B 42 -1.21 -7.98 6.45
N ASN B 43 -2.27 -8.78 6.44
CA ASN B 43 -3.58 -8.29 6.04
C ASN B 43 -4.41 -8.22 7.34
N HIS B 44 -3.74 -8.51 8.46
CA HIS B 44 -4.36 -8.49 9.79
C HIS B 44 -5.48 -9.53 9.93
N GLU B 45 -5.34 -10.64 9.21
CA GLU B 45 -6.34 -11.70 9.29
C GLU B 45 -5.81 -12.86 10.11
N ARG B 46 -6.54 -13.21 11.16
CA ARG B 46 -6.14 -14.33 12.01
C ARG B 46 -6.63 -15.60 11.34
N MET B 47 -5.84 -16.67 11.44
CA MET B 47 -6.20 -17.94 10.82
C MET B 47 -5.27 -19.04 11.35
N PRO B 48 -5.63 -20.31 11.13
CA PRO B 48 -4.81 -21.43 11.60
C PRO B 48 -3.46 -21.42 10.86
N PHE B 49 -2.42 -21.89 11.55
CA PHE B 49 -1.08 -21.91 10.98
C PHE B 49 -1.04 -22.46 9.55
N SER B 50 -1.79 -23.53 9.30
CA SER B 50 -1.86 -24.15 7.97
C SER B 50 -2.18 -23.10 6.92
N LYS B 51 -3.17 -22.27 7.24
CA LYS B 51 -3.66 -21.18 6.39
C LYS B 51 -2.54 -20.17 6.12
N VAL B 52 -1.84 -19.80 7.20
CA VAL B 52 -0.76 -18.84 7.07
C VAL B 52 0.35 -19.31 6.15
N LYS B 53 0.79 -20.56 6.32
CA LYS B 53 1.85 -21.06 5.46
C LYS B 53 1.44 -21.06 3.99
N ALA B 54 0.23 -21.57 3.74
CA ALA B 54 -0.29 -21.65 2.37
C ALA B 54 -0.43 -20.26 1.78
N LEU B 55 -0.96 -19.34 2.57
CA LEU B 55 -1.13 -17.97 2.11
C LEU B 55 0.21 -17.34 1.74
N CYS B 56 1.18 -17.38 2.65
CA CYS B 56 2.49 -16.80 2.36
C CYS B 56 3.18 -17.48 1.17
N SER B 57 3.04 -18.80 1.06
CA SER B 57 3.64 -19.49 -0.08
C SER B 57 3.01 -19.02 -1.38
N GLU B 58 1.70 -18.87 -1.37
CA GLU B 58 0.97 -18.41 -2.54
C GLU B 58 1.51 -17.04 -2.98
N LEU B 59 2.00 -16.27 -2.02
CA LEU B 59 2.54 -14.95 -2.30
C LEU B 59 4.04 -15.01 -2.53
N ARG B 60 4.54 -16.24 -2.69
CA ARG B 60 5.97 -16.46 -2.89
C ARG B 60 6.80 -15.86 -1.78
N GLY B 61 6.24 -15.92 -0.57
CA GLY B 61 6.93 -15.41 0.60
C GLY B 61 6.96 -16.57 1.58
N THR B 62 7.27 -16.30 2.83
CA THR B 62 7.31 -17.34 3.85
C THR B 62 6.74 -16.75 5.13
N VAL B 63 6.38 -17.59 6.09
CA VAL B 63 5.86 -17.09 7.37
C VAL B 63 6.99 -16.31 8.03
N ALA B 64 6.68 -15.14 8.60
CA ALA B 64 7.69 -14.30 9.22
C ALA B 64 8.54 -15.00 10.28
N ILE B 65 9.84 -14.78 10.20
CA ILE B 65 10.77 -15.38 11.13
C ILE B 65 11.77 -14.36 11.67
N PRO B 66 11.72 -14.07 12.98
CA PRO B 66 12.66 -13.12 13.57
C PRO B 66 14.01 -13.83 13.79
N ARG B 67 15.07 -13.30 13.18
CA ARG B 67 16.39 -13.90 13.32
C ARG B 67 17.20 -13.23 14.43
N ASN B 68 16.65 -12.16 14.99
CA ASN B 68 17.31 -11.42 16.06
C ASN B 68 16.27 -10.54 16.74
N ALA B 69 16.70 -9.79 17.75
CA ALA B 69 15.80 -8.90 18.50
C ALA B 69 15.20 -7.81 17.62
N GLU B 70 15.99 -7.27 16.72
CA GLU B 70 15.52 -6.23 15.81
C GLU B 70 14.29 -6.73 15.06
N GLU B 71 14.50 -7.73 14.22
CA GLU B 71 13.43 -8.31 13.44
C GLU B 71 12.21 -8.70 14.27
N ASN B 72 12.44 -9.16 15.50
CA ASN B 72 11.32 -9.55 16.36
C ASN B 72 10.45 -8.32 16.59
N LYS B 73 11.11 -7.19 16.85
CA LYS B 73 10.38 -5.94 17.09
C LYS B 73 9.65 -5.50 15.82
N ALA B 74 10.33 -5.57 14.68
CA ALA B 74 9.73 -5.20 13.40
C ALA B 74 8.45 -6.01 13.15
N ILE B 75 8.53 -7.33 13.33
CA ILE B 75 7.38 -8.19 13.12
C ILE B 75 6.26 -7.77 14.08
N GLN B 76 6.63 -7.51 15.32
CA GLN B 76 5.66 -7.10 16.34
C GLN B 76 4.88 -5.86 15.93
N GLU B 77 5.58 -4.86 15.40
CA GLU B 77 4.98 -3.61 14.98
C GLU B 77 4.02 -3.73 13.81
N VAL B 78 4.34 -4.60 12.85
CA VAL B 78 3.49 -4.77 11.69
C VAL B 78 2.22 -5.54 12.03
N ALA B 79 2.36 -6.61 12.80
CA ALA B 79 1.22 -7.43 13.19
C ALA B 79 0.26 -6.67 14.10
N LYS B 80 0.83 -5.96 15.06
CA LYS B 80 0.07 -5.19 16.03
C LYS B 80 -0.81 -6.04 16.95
N THR B 81 -0.86 -7.34 16.67
CA THR B 81 -1.62 -8.30 17.48
C THR B 81 -0.85 -9.62 17.46
N SER B 82 -1.41 -10.66 18.08
CA SER B 82 -0.75 -11.97 18.12
C SER B 82 -0.58 -12.55 16.73
N ALA B 83 0.67 -12.84 16.37
CA ALA B 83 0.98 -13.38 15.05
C ALA B 83 1.83 -14.65 15.09
N PHE B 84 1.52 -15.60 14.22
CA PHE B 84 2.30 -16.83 14.12
C PHE B 84 3.68 -16.51 13.58
N LEU B 85 4.67 -17.30 13.97
CA LEU B 85 6.03 -17.12 13.47
C LEU B 85 6.31 -18.40 12.68
N GLY B 86 7.27 -18.38 11.76
CA GLY B 86 7.57 -19.56 10.98
C GLY B 86 8.45 -20.52 11.76
N ILE B 87 8.02 -20.89 12.96
CA ILE B 87 8.76 -21.77 13.87
C ILE B 87 7.83 -22.84 14.43
N THR B 88 8.25 -24.11 14.42
CA THR B 88 7.42 -25.16 14.98
C THR B 88 8.30 -26.30 15.46
N ASP B 89 7.76 -27.15 16.33
CA ASP B 89 8.49 -28.32 16.80
C ASP B 89 7.55 -29.48 16.51
N GLU B 90 6.85 -29.36 15.38
CA GLU B 90 5.90 -30.36 14.91
C GLU B 90 6.56 -31.69 14.59
N VAL B 91 7.69 -31.63 13.87
CA VAL B 91 8.39 -32.85 13.49
C VAL B 91 8.93 -33.58 14.72
N THR B 92 9.74 -32.90 15.51
CA THR B 92 10.33 -33.49 16.70
C THR B 92 10.06 -32.62 17.93
N GLU B 93 9.06 -33.05 18.71
CA GLU B 93 8.67 -32.37 19.93
C GLU B 93 9.87 -31.93 20.75
N GLY B 94 9.93 -30.64 21.10
CA GLY B 94 11.03 -30.14 21.90
C GLY B 94 12.10 -29.42 21.11
N GLN B 95 12.26 -29.77 19.83
CA GLN B 95 13.27 -29.13 18.99
C GLN B 95 12.59 -28.21 17.99
N PHE B 96 12.56 -26.92 18.29
CA PHE B 96 11.92 -25.98 17.37
C PHE B 96 12.78 -25.75 16.14
N MET B 97 12.12 -25.67 14.99
CA MET B 97 12.79 -25.49 13.70
C MET B 97 12.09 -24.44 12.83
N TYR B 98 12.86 -23.76 11.98
CA TYR B 98 12.29 -22.77 11.07
C TYR B 98 11.55 -23.54 10.00
N VAL B 99 10.39 -23.05 9.57
CA VAL B 99 9.63 -23.71 8.52
C VAL B 99 10.44 -23.83 7.25
N THR B 100 11.44 -22.96 7.10
CA THR B 100 12.30 -23.00 5.93
C THR B 100 13.55 -23.83 6.16
N GLY B 101 13.59 -24.53 7.29
CA GLY B 101 14.72 -25.39 7.62
C GLY B 101 15.70 -24.87 8.64
N GLY B 102 16.29 -25.78 9.41
CA GLY B 102 17.29 -25.39 10.40
C GLY B 102 16.82 -25.22 11.83
N ARG B 103 17.77 -25.37 12.75
CA ARG B 103 17.51 -25.23 14.17
C ARG B 103 17.50 -23.75 14.54
N LEU B 104 16.66 -23.43 15.52
CA LEU B 104 16.52 -22.07 15.99
C LEU B 104 17.84 -21.48 16.46
N THR B 105 18.11 -20.23 16.09
CA THR B 105 19.33 -19.54 16.49
C THR B 105 18.99 -18.47 17.52
N TYR B 106 17.90 -17.76 17.29
CA TYR B 106 17.43 -16.72 18.20
C TYR B 106 16.04 -17.09 18.72
N SER B 107 15.78 -16.80 20.00
CA SER B 107 14.49 -17.10 20.59
C SER B 107 14.19 -16.05 21.66
N ASN B 108 12.92 -15.90 22.01
CA ASN B 108 12.52 -14.92 23.01
C ASN B 108 11.26 -15.40 23.72
N TRP B 109 11.36 -16.57 24.36
CA TRP B 109 10.24 -17.17 25.06
C TRP B 109 9.80 -16.42 26.30
N LYS B 110 8.50 -16.51 26.58
CA LYS B 110 7.91 -15.88 27.75
C LYS B 110 8.21 -16.84 28.90
N LYS B 111 8.09 -16.36 30.13
CA LYS B 111 8.33 -17.19 31.29
C LYS B 111 7.31 -18.33 31.34
N ASP B 112 7.79 -19.54 31.64
CA ASP B 112 6.94 -20.72 31.73
C ASP B 112 6.59 -21.30 30.36
N GLN B 113 7.29 -20.85 29.33
CA GLN B 113 7.08 -21.33 27.97
C GLN B 113 8.42 -21.72 27.33
N PRO B 114 8.43 -22.71 26.42
CA PRO B 114 7.32 -23.52 25.90
C PRO B 114 6.93 -24.59 26.89
N ASP B 115 5.64 -24.87 26.99
CA ASP B 115 5.14 -25.88 27.93
C ASP B 115 4.38 -26.99 27.20
N ASP B 116 4.34 -26.88 25.88
CA ASP B 116 3.65 -27.85 25.02
C ASP B 116 2.32 -28.24 25.66
N TRP B 117 1.59 -27.23 26.12
CA TRP B 117 0.31 -27.39 26.79
C TRP B 117 -0.72 -28.21 26.02
N TYR B 118 -1.42 -29.10 26.72
CA TYR B 118 -2.45 -29.94 26.14
C TYR B 118 -3.83 -29.57 26.67
N GLY B 119 -3.88 -28.65 27.61
CA GLY B 119 -5.13 -28.24 28.21
C GLY B 119 -6.15 -27.56 27.31
N HIS B 120 -5.72 -27.14 26.13
CA HIS B 120 -6.63 -26.49 25.19
C HIS B 120 -7.63 -27.51 24.66
N GLY B 121 -7.39 -28.78 24.99
CA GLY B 121 -8.26 -29.86 24.57
C GLY B 121 -8.65 -29.82 23.11
N LEU B 122 -7.86 -29.07 22.33
CA LEU B 122 -8.11 -28.92 20.90
C LEU B 122 -7.49 -30.09 20.13
N GLY B 123 -6.64 -30.85 20.81
CA GLY B 123 -6.00 -31.98 20.17
C GLY B 123 -4.48 -31.84 20.13
N GLY B 124 -3.79 -32.64 20.93
CA GLY B 124 -2.34 -32.58 20.97
C GLY B 124 -1.81 -31.47 21.86
N GLY B 125 -0.50 -31.24 21.79
CA GLY B 125 0.10 -30.20 22.59
C GLY B 125 0.15 -28.89 21.84
N GLU B 126 1.31 -28.22 21.90
CA GLU B 126 1.51 -26.96 21.22
C GLU B 126 2.84 -27.00 20.47
N ASP B 127 2.75 -27.11 19.14
CA ASP B 127 3.91 -27.21 18.26
C ASP B 127 4.20 -25.97 17.42
N CYS B 128 3.35 -24.95 17.53
CA CYS B 128 3.57 -23.71 16.80
C CYS B 128 4.00 -22.60 17.76
N VAL B 129 4.30 -21.44 17.19
CA VAL B 129 4.78 -20.31 17.99
C VAL B 129 4.15 -19.00 17.52
N HIS B 130 3.76 -18.17 18.48
CA HIS B 130 3.19 -16.87 18.15
C HIS B 130 3.77 -15.84 19.11
N ILE B 131 3.70 -14.57 18.70
CA ILE B 131 4.18 -13.47 19.51
C ILE B 131 3.02 -12.75 20.16
N VAL B 132 3.31 -12.02 21.24
CA VAL B 132 2.30 -11.26 21.96
C VAL B 132 2.70 -9.78 21.84
N ASP B 133 1.76 -8.88 22.10
CA ASP B 133 2.03 -7.44 22.01
C ASP B 133 3.25 -7.03 22.84
N ASN B 134 3.67 -7.92 23.73
CA ASN B 134 4.83 -7.67 24.58
C ASN B 134 6.12 -8.10 23.87
N GLY B 135 5.96 -8.84 22.77
CA GLY B 135 7.10 -9.30 22.00
C GLY B 135 7.60 -10.68 22.34
N LEU B 136 7.21 -11.21 23.49
CA LEU B 136 7.63 -12.53 23.93
C LEU B 136 6.90 -13.64 23.17
N TRP B 137 7.51 -14.83 23.13
CA TRP B 137 6.93 -15.96 22.42
C TRP B 137 6.25 -16.96 23.35
N ASN B 138 5.29 -17.67 22.80
CA ASN B 138 4.56 -18.71 23.52
C ASN B 138 4.28 -19.82 22.54
N ASP B 139 4.42 -21.07 22.93
CA ASP B 139 4.10 -22.12 22.00
C ASP B 139 2.58 -22.29 22.08
N ILE B 140 1.95 -22.42 20.92
CA ILE B 140 0.50 -22.53 20.87
C ILE B 140 0.13 -23.61 19.87
N SER B 141 -1.11 -24.07 19.92
CA SER B 141 -1.58 -25.06 18.99
C SER B 141 -1.59 -24.47 17.58
N CYS B 142 -1.16 -25.28 16.62
CA CYS B 142 -1.10 -24.88 15.22
C CYS B 142 -2.53 -24.77 14.66
N GLN B 143 -3.48 -25.35 15.37
CA GLN B 143 -4.87 -25.31 14.95
C GLN B 143 -5.54 -24.01 15.36
N ALA B 144 -4.92 -23.27 16.28
CA ALA B 144 -5.47 -22.00 16.75
C ALA B 144 -5.32 -20.96 15.64
N SER B 145 -6.04 -19.85 15.78
CA SER B 145 -6.02 -18.78 14.80
C SER B 145 -5.30 -17.54 15.29
N HIS B 146 -4.31 -17.12 14.52
CA HIS B 146 -3.53 -15.94 14.87
C HIS B 146 -3.19 -15.18 13.59
N THR B 147 -2.68 -13.97 13.74
CA THR B 147 -2.36 -13.12 12.60
C THR B 147 -1.34 -13.66 11.61
N ALA B 148 -1.64 -13.46 10.33
CA ALA B 148 -0.78 -13.91 9.25
C ALA B 148 0.20 -12.82 8.87
N VAL B 149 1.49 -13.09 9.03
CA VAL B 149 2.53 -12.14 8.69
C VAL B 149 3.56 -12.84 7.81
N CYS B 150 3.72 -12.37 6.58
CA CYS B 150 4.65 -12.99 5.65
C CYS B 150 5.89 -12.12 5.48
N GLU B 151 7.01 -12.75 5.15
CA GLU B 151 8.23 -11.99 4.93
C GLU B 151 8.78 -12.21 3.54
N PHE B 152 9.53 -11.21 3.08
CA PHE B 152 10.16 -11.24 1.79
C PHE B 152 11.60 -10.82 2.04
N PRO B 153 12.55 -11.30 1.22
CA PRO B 153 13.98 -11.00 1.33
C PRO B 153 14.34 -9.52 1.40
N ALA B 154 15.46 -9.22 2.06
CA ALA B 154 15.91 -7.85 2.18
C ALA B 154 16.17 -7.27 0.79
N ALA C 1 1.03 -20.00 -39.31
CA ALA C 1 1.06 -20.02 -37.82
C ALA C 1 2.04 -19.01 -37.25
N ILE C 2 3.23 -18.91 -37.82
CA ILE C 2 4.23 -17.96 -37.30
C ILE C 2 3.72 -16.53 -37.22
N GLU C 3 3.12 -16.03 -38.30
CA GLU C 3 2.62 -14.67 -38.30
C GLU C 3 1.39 -14.51 -37.42
N VAL C 4 0.60 -15.57 -37.31
CA VAL C 4 -0.58 -15.54 -36.47
C VAL C 4 -0.16 -15.48 -35.00
N LYS C 5 0.85 -16.27 -34.65
CA LYS C 5 1.36 -16.27 -33.28
C LYS C 5 1.98 -14.93 -32.93
N LEU C 6 2.66 -14.33 -33.91
CA LEU C 6 3.30 -13.05 -33.69
C LEU C 6 2.25 -11.97 -33.42
N ALA C 7 1.16 -11.99 -34.19
CA ALA C 7 0.08 -11.03 -34.00
C ALA C 7 -0.59 -11.27 -32.64
N ASN C 8 -0.66 -12.52 -32.21
CA ASN C 8 -1.26 -12.78 -30.91
C ASN C 8 -0.38 -12.23 -29.79
N MET C 9 0.93 -12.47 -29.89
CA MET C 9 1.81 -11.97 -28.85
C MET C 9 1.77 -10.45 -28.75
N GLU C 10 1.53 -9.77 -29.88
CA GLU C 10 1.42 -8.33 -29.85
C GLU C 10 0.19 -7.97 -29.00
N ALA C 11 -0.89 -8.71 -29.18
CA ALA C 11 -2.10 -8.47 -28.41
C ALA C 11 -1.84 -8.81 -26.94
N GLU C 12 -1.10 -9.89 -26.69
CA GLU C 12 -0.78 -10.28 -25.30
C GLU C 12 0.03 -9.16 -24.65
N ILE C 13 1.01 -8.65 -25.39
CA ILE C 13 1.84 -7.58 -24.88
C ILE C 13 1.01 -6.32 -24.56
N ASN C 14 0.18 -5.89 -25.51
CA ASN C 14 -0.64 -4.71 -25.26
C ASN C 14 -1.58 -4.91 -24.07
N THR C 15 -2.12 -6.12 -23.93
CA THR C 15 -3.00 -6.41 -22.81
C THR C 15 -2.23 -6.31 -21.49
N LEU C 16 -1.02 -6.84 -21.45
CA LEU C 16 -0.23 -6.75 -20.23
C LEU C 16 0.16 -5.31 -19.89
N LYS C 17 0.42 -4.50 -20.92
CA LYS C 17 0.75 -3.10 -20.70
C LYS C 17 -0.41 -2.36 -20.01
N SER C 18 -1.63 -2.58 -20.50
CA SER C 18 -2.81 -1.94 -19.90
C SER C 18 -3.03 -2.48 -18.50
N LYS C 19 -2.80 -3.77 -18.31
CA LYS C 19 -2.99 -4.33 -16.98
C LYS C 19 -1.99 -3.73 -15.98
N LEU C 20 -0.75 -3.52 -16.39
CA LEU C 20 0.25 -2.95 -15.49
C LEU C 20 -0.08 -1.49 -15.20
N GLU C 21 -0.64 -0.78 -16.18
CA GLU C 21 -1.04 0.61 -16.00
C GLU C 21 -2.13 0.68 -14.92
N LEU C 22 -3.05 -0.28 -14.99
CA LEU C 22 -4.13 -0.37 -14.02
C LEU C 22 -3.56 -0.65 -12.64
N THR C 23 -2.59 -1.57 -12.57
CA THR C 23 -1.99 -1.88 -11.29
C THR C 23 -1.35 -0.64 -10.67
N ASN C 24 -0.66 0.16 -11.49
CA ASN C 24 -0.02 1.38 -10.98
C ASN C 24 -1.09 2.40 -10.53
N LYS C 25 -2.15 2.54 -11.32
CA LYS C 25 -3.23 3.47 -10.96
C LYS C 25 -3.85 3.06 -9.63
N LEU C 26 -4.18 1.78 -9.47
CA LEU C 26 -4.77 1.29 -8.23
C LEU C 26 -3.81 1.49 -7.05
N HIS C 27 -2.53 1.19 -7.25
CA HIS C 27 -1.57 1.38 -6.15
C HIS C 27 -1.53 2.83 -5.70
N ALA C 28 -1.44 3.76 -6.64
CA ALA C 28 -1.39 5.19 -6.31
C ALA C 28 -2.65 5.60 -5.52
N PHE C 29 -3.80 5.16 -5.99
CA PHE C 29 -5.10 5.45 -5.36
C PHE C 29 -5.16 4.95 -3.91
N SER C 30 -4.78 3.69 -3.71
CA SER C 30 -4.82 3.11 -2.37
C SER C 30 -3.80 3.77 -1.45
N MET C 31 -2.77 4.38 -2.03
CA MET C 31 -1.74 5.05 -1.24
C MET C 31 -2.08 6.52 -1.02
N GLY C 32 -3.29 6.91 -1.42
CA GLY C 32 -3.72 8.29 -1.22
C GLY C 32 -3.56 9.33 -2.31
N LYS C 33 -3.15 8.95 -3.53
CA LYS C 33 -2.98 9.96 -4.57
C LYS C 33 -4.33 10.61 -4.88
N LYS C 34 -4.32 11.95 -4.91
CA LYS C 34 -5.51 12.73 -5.18
C LYS C 34 -5.51 13.22 -6.61
N SER C 35 -6.71 13.35 -7.19
CA SER C 35 -6.85 13.83 -8.56
C SER C 35 -6.13 15.17 -8.72
N GLY C 36 -5.41 15.31 -9.83
CA GLY C 36 -4.70 16.55 -10.09
C GLY C 36 -3.68 16.97 -9.05
N LYS C 37 -3.16 16.02 -8.29
CA LYS C 37 -2.16 16.35 -7.29
C LYS C 37 -1.02 15.36 -7.31
N LYS C 38 0.20 15.88 -7.23
CA LYS C 38 1.38 15.02 -7.23
C LYS C 38 1.27 14.22 -5.94
N PHE C 39 1.87 13.04 -5.89
CA PHE C 39 1.76 12.35 -4.61
C PHE C 39 3.11 12.00 -4.03
N PHE C 40 3.18 12.18 -2.72
CA PHE C 40 4.38 11.96 -1.93
C PHE C 40 4.29 10.64 -1.22
N VAL C 41 5.41 9.92 -1.20
CA VAL C 41 5.46 8.61 -0.55
C VAL C 41 6.78 8.46 0.23
N THR C 42 6.72 7.72 1.33
CA THR C 42 7.91 7.50 2.16
C THR C 42 7.89 6.09 2.78
N ASN C 43 9.07 5.57 3.11
CA ASN C 43 9.19 4.28 3.76
C ASN C 43 9.55 4.58 5.22
N HIS C 44 9.55 5.87 5.57
CA HIS C 44 9.89 6.33 6.92
C HIS C 44 11.29 5.96 7.40
N GLU C 45 12.24 5.89 6.47
CA GLU C 45 13.61 5.55 6.82
C GLU C 45 14.45 6.83 6.80
N ARG C 46 15.31 6.99 7.80
CA ARG C 46 16.18 8.16 7.86
C ARG C 46 17.51 7.81 7.19
N MET C 47 18.02 8.72 6.37
CA MET C 47 19.27 8.48 5.68
C MET C 47 19.87 9.80 5.18
N PRO C 48 21.17 9.80 4.84
CA PRO C 48 21.82 11.01 4.35
C PRO C 48 21.15 11.44 3.04
N PHE C 49 21.23 12.73 2.73
CA PHE C 49 20.61 13.26 1.52
C PHE C 49 20.99 12.53 0.23
N SER C 50 22.26 12.18 0.09
CA SER C 50 22.72 11.49 -1.11
C SER C 50 21.94 10.18 -1.33
N LYS C 51 21.63 9.47 -0.25
CA LYS C 51 20.91 8.20 -0.36
C LYS C 51 19.44 8.48 -0.72
N VAL C 52 18.92 9.61 -0.24
CA VAL C 52 17.53 9.96 -0.55
C VAL C 52 17.42 10.22 -2.04
N LYS C 53 18.34 11.02 -2.58
CA LYS C 53 18.29 11.29 -4.03
C LYS C 53 18.42 10.01 -4.85
N ALA C 54 19.36 9.15 -4.47
CA ALA C 54 19.57 7.92 -5.21
C ALA C 54 18.32 7.05 -5.16
N LEU C 55 17.77 6.90 -3.97
CA LEU C 55 16.57 6.09 -3.76
C LEU C 55 15.37 6.62 -4.54
N CYS C 56 15.10 7.93 -4.49
CA CYS C 56 13.95 8.42 -5.24
C CYS C 56 14.24 8.29 -6.74
N SER C 57 15.50 8.46 -7.11
CA SER C 57 15.86 8.32 -8.51
C SER C 57 15.59 6.87 -8.95
N GLU C 58 16.00 5.93 -8.10
CA GLU C 58 15.79 4.52 -8.37
C GLU C 58 14.31 4.21 -8.56
N LEU C 59 13.45 5.01 -7.94
CA LEU C 59 12.02 4.79 -8.05
C LEU C 59 11.37 5.60 -9.16
N ARG C 60 12.20 6.32 -9.92
CA ARG C 60 11.69 7.16 -11.01
C ARG C 60 10.86 8.33 -10.50
N GLY C 61 11.24 8.83 -9.35
CA GLY C 61 10.57 9.97 -8.76
C GLY C 61 11.67 10.96 -8.39
N THR C 62 11.32 12.00 -7.64
CA THR C 62 12.31 12.98 -7.23
C THR C 62 12.20 13.19 -5.73
N VAL C 63 13.14 13.92 -5.14
CA VAL C 63 13.09 14.19 -3.71
C VAL C 63 11.97 15.23 -3.57
N ALA C 64 11.05 14.99 -2.64
CA ALA C 64 9.91 15.88 -2.42
C ALA C 64 10.25 17.37 -2.40
N ILE C 65 9.44 18.17 -3.10
CA ILE C 65 9.61 19.62 -3.18
C ILE C 65 8.27 20.36 -3.06
N PRO C 66 8.13 21.20 -2.02
CA PRO C 66 6.89 21.95 -1.80
C PRO C 66 6.93 23.18 -2.71
N ARG C 67 5.90 23.38 -3.52
CA ARG C 67 5.84 24.54 -4.42
C ARG C 67 4.92 25.60 -3.86
N ASN C 68 4.19 25.24 -2.80
CA ASN C 68 3.28 26.17 -2.16
C ASN C 68 2.93 25.66 -0.79
N ALA C 69 2.15 26.45 -0.06
CA ALA C 69 1.76 26.09 1.29
C ALA C 69 1.05 24.74 1.33
N GLU C 70 0.21 24.48 0.34
CA GLU C 70 -0.54 23.22 0.27
C GLU C 70 0.39 22.00 0.20
N GLU C 71 1.27 22.00 -0.79
CA GLU C 71 2.20 20.90 -0.97
C GLU C 71 3.12 20.75 0.25
N ASN C 72 3.48 21.87 0.87
CA ASN C 72 4.34 21.82 2.05
C ASN C 72 3.63 21.02 3.15
N LYS C 73 2.33 21.26 3.29
CA LYS C 73 1.56 20.54 4.30
C LYS C 73 1.39 19.07 3.94
N ALA C 74 1.21 18.80 2.65
CA ALA C 74 1.05 17.41 2.19
C ALA C 74 2.31 16.61 2.55
N ILE C 75 3.48 17.17 2.27
CA ILE C 75 4.74 16.49 2.57
C ILE C 75 4.89 16.26 4.08
N GLN C 76 4.56 17.28 4.86
CA GLN C 76 4.66 17.20 6.32
C GLN C 76 3.83 16.05 6.87
N GLU C 77 2.62 15.90 6.35
CA GLU C 77 1.71 14.85 6.79
C GLU C 77 2.20 13.43 6.48
N VAL C 78 2.70 13.24 5.27
CA VAL C 78 3.22 11.93 4.85
C VAL C 78 4.45 11.54 5.67
N ALA C 79 5.36 12.49 5.86
CA ALA C 79 6.59 12.24 6.61
C ALA C 79 6.34 11.99 8.09
N LYS C 80 5.48 12.81 8.70
CA LYS C 80 5.16 12.68 10.12
C LYS C 80 6.35 13.09 10.99
N THR C 81 7.54 12.86 10.45
CA THR C 81 8.78 13.20 11.14
C THR C 81 9.59 14.08 10.18
N SER C 82 10.72 14.61 10.62
CA SER C 82 11.52 15.47 9.75
C SER C 82 12.04 14.78 8.50
N ALA C 83 11.76 15.37 7.35
CA ALA C 83 12.20 14.81 6.08
C ALA C 83 12.97 15.81 5.23
N PHE C 84 13.85 15.31 4.38
CA PHE C 84 14.62 16.12 3.47
C PHE C 84 13.75 16.64 2.33
N LEU C 85 14.11 17.81 1.81
CA LEU C 85 13.41 18.39 0.68
C LEU C 85 14.41 18.47 -0.46
N GLY C 86 13.93 18.43 -1.70
CA GLY C 86 14.80 18.51 -2.86
C GLY C 86 15.28 19.92 -3.12
N ILE C 87 15.88 20.55 -2.10
CA ILE C 87 16.36 21.92 -2.18
C ILE C 87 17.72 22.01 -1.48
N THR C 88 18.71 22.59 -2.15
CA THR C 88 20.05 22.72 -1.56
C THR C 88 20.75 23.96 -2.09
N ASP C 89 21.80 24.38 -1.39
CA ASP C 89 22.60 25.52 -1.86
C ASP C 89 24.04 25.04 -2.01
N GLU C 90 24.19 23.80 -2.47
CA GLU C 90 25.51 23.22 -2.68
C GLU C 90 26.24 23.89 -3.84
N VAL C 91 25.50 24.31 -4.86
CA VAL C 91 26.14 24.94 -6.02
C VAL C 91 26.73 26.30 -5.69
N THR C 92 25.97 27.13 -4.99
CA THR C 92 26.41 28.46 -4.59
C THR C 92 25.89 28.76 -3.20
N GLU C 93 26.80 28.80 -2.22
CA GLU C 93 26.43 29.06 -0.83
C GLU C 93 25.46 30.23 -0.69
N GLY C 94 24.39 30.00 0.06
CA GLY C 94 23.40 31.05 0.28
C GLY C 94 22.32 31.08 -0.79
N GLN C 95 22.60 30.51 -1.94
CA GLN C 95 21.63 30.50 -3.04
C GLN C 95 20.95 29.14 -3.19
N PHE C 96 19.81 28.96 -2.53
CA PHE C 96 19.11 27.69 -2.64
C PHE C 96 18.42 27.48 -3.99
N MET C 97 18.58 26.27 -4.50
CA MET C 97 18.03 25.87 -5.79
C MET C 97 17.33 24.52 -5.63
N TYR C 98 16.37 24.23 -6.50
CA TYR C 98 15.70 22.94 -6.45
C TYR C 98 16.69 21.93 -7.02
N VAL C 99 16.75 20.74 -6.44
CA VAL C 99 17.68 19.74 -6.95
C VAL C 99 17.39 19.51 -8.43
N THR C 100 16.15 19.79 -8.81
CA THR C 100 15.73 19.62 -10.19
C THR C 100 15.89 20.94 -10.96
N GLY C 101 16.83 21.76 -10.52
CA GLY C 101 17.11 23.03 -11.17
C GLY C 101 16.17 24.21 -10.94
N GLY C 102 16.75 25.41 -10.82
CA GLY C 102 15.96 26.62 -10.63
C GLY C 102 15.96 27.27 -9.26
N ARG C 103 15.67 28.58 -9.22
CA ARG C 103 15.61 29.31 -7.97
C ARG C 103 14.26 29.06 -7.31
N LEU C 104 14.18 29.26 -6.00
CA LEU C 104 12.95 29.02 -5.26
C LEU C 104 11.83 30.00 -5.55
N THR C 105 10.61 29.49 -5.63
CA THR C 105 9.44 30.32 -5.87
C THR C 105 8.59 30.39 -4.61
N TYR C 106 8.94 29.54 -3.64
CA TYR C 106 8.24 29.47 -2.36
C TYR C 106 9.19 28.95 -1.30
N SER C 107 9.04 29.43 -0.08
CA SER C 107 9.87 29.01 1.04
C SER C 107 9.08 29.13 2.34
N ASN C 108 9.46 28.34 3.33
CA ASN C 108 8.77 28.36 4.62
C ASN C 108 9.80 28.26 5.73
N TRP C 109 10.89 29.01 5.57
CA TRP C 109 11.99 29.02 6.52
C TRP C 109 11.61 29.34 7.95
N LYS C 110 12.27 28.69 8.89
CA LYS C 110 12.08 28.90 10.31
C LYS C 110 12.83 30.21 10.59
N LYS C 111 12.44 30.93 11.65
CA LYS C 111 13.12 32.18 11.96
C LYS C 111 14.59 31.89 12.27
N ASP C 112 15.48 32.73 11.75
CA ASP C 112 16.92 32.59 11.96
C ASP C 112 17.52 31.43 11.16
N GLN C 113 16.86 31.08 10.05
CA GLN C 113 17.29 30.03 9.14
C GLN C 113 17.03 30.51 7.73
N PRO C 114 17.90 30.13 6.76
CA PRO C 114 19.10 29.29 6.82
C PRO C 114 20.27 30.06 7.45
N ASP C 115 21.14 29.34 8.15
CA ASP C 115 22.27 29.97 8.80
C ASP C 115 23.59 29.26 8.51
N ASP C 116 23.56 28.29 7.59
CA ASP C 116 24.75 27.52 7.21
C ASP C 116 25.62 27.25 8.43
N TRP C 117 25.04 26.62 9.45
CA TRP C 117 25.71 26.32 10.71
C TRP C 117 26.80 25.25 10.62
N TYR C 118 27.89 25.45 11.36
CA TYR C 118 29.00 24.50 11.35
C TYR C 118 29.04 23.67 12.64
N GLY C 119 28.43 24.20 13.68
CA GLY C 119 28.44 23.53 14.97
C GLY C 119 28.06 22.06 15.06
N HIS C 120 27.32 21.56 14.09
CA HIS C 120 26.90 20.15 14.09
C HIS C 120 28.09 19.19 14.19
N GLY C 121 29.24 19.60 13.68
CA GLY C 121 30.42 18.74 13.78
C GLY C 121 30.57 17.61 12.77
N LEU C 122 29.73 17.58 11.75
CA LEU C 122 29.82 16.54 10.72
C LEU C 122 30.78 16.99 9.62
N GLY C 123 31.14 18.27 9.66
CA GLY C 123 32.03 18.82 8.65
C GLY C 123 31.25 19.74 7.73
N GLY C 124 31.88 20.80 7.25
CA GLY C 124 31.21 21.73 6.37
C GLY C 124 30.09 22.46 7.09
N GLY C 125 29.33 23.26 6.35
CA GLY C 125 28.23 23.99 6.95
C GLY C 125 26.92 23.22 6.76
N GLU C 126 25.90 23.91 6.26
CA GLU C 126 24.59 23.31 6.01
C GLU C 126 24.09 23.70 4.63
N ASP C 127 24.07 22.73 3.71
CA ASP C 127 23.62 22.97 2.34
C ASP C 127 22.34 22.23 1.96
N CYS C 128 21.82 21.42 2.86
CA CYS C 128 20.57 20.72 2.59
C CYS C 128 19.41 21.31 3.39
N VAL C 129 18.21 20.85 3.09
CA VAL C 129 17.02 21.37 3.75
C VAL C 129 16.04 20.30 4.22
N HIS C 130 15.56 20.44 5.45
CA HIS C 130 14.56 19.51 5.95
C HIS C 130 13.41 20.27 6.58
N ILE C 131 12.25 19.63 6.64
CA ILE C 131 11.07 20.26 7.21
C ILE C 131 10.90 19.80 8.65
N VAL C 132 10.93 20.76 9.57
CA VAL C 132 10.81 20.49 11.00
C VAL C 132 9.44 20.81 11.59
N ASP C 133 9.41 21.05 12.91
CA ASP C 133 8.17 21.35 13.62
C ASP C 133 7.34 22.46 12.98
N ASN C 134 6.03 22.25 12.93
CA ASN C 134 5.09 23.20 12.36
C ASN C 134 5.27 23.38 10.85
N GLY C 135 5.97 22.43 10.22
CA GLY C 135 6.18 22.51 8.79
C GLY C 135 7.21 23.52 8.31
N LEU C 136 7.88 24.19 9.24
CA LEU C 136 8.89 25.19 8.89
C LEU C 136 10.16 24.52 8.36
N TRP C 137 10.91 25.26 7.53
CA TRP C 137 12.15 24.75 6.92
C TRP C 137 13.41 25.17 7.68
N ASN C 138 14.39 24.27 7.74
CA ASN C 138 15.69 24.53 8.36
C ASN C 138 16.79 23.99 7.44
N ASP C 139 17.90 24.72 7.28
CA ASP C 139 18.97 24.20 6.45
C ASP C 139 19.75 23.29 7.38
N ILE C 140 20.09 22.10 6.89
CA ILE C 140 20.79 21.11 7.71
C ILE C 140 21.90 20.46 6.89
N SER C 141 22.83 19.80 7.57
CA SER C 141 23.92 19.11 6.90
C SER C 141 23.38 17.99 6.01
N CYS C 142 23.86 17.92 4.77
CA CYS C 142 23.45 16.90 3.83
C CYS C 142 23.92 15.53 4.35
N GLN C 143 24.92 15.56 5.23
CA GLN C 143 25.48 14.34 5.82
C GLN C 143 24.54 13.79 6.89
N ALA C 144 23.70 14.65 7.46
CA ALA C 144 22.74 14.24 8.48
C ALA C 144 21.71 13.28 7.87
N SER C 145 21.06 12.49 8.71
CA SER C 145 20.07 11.53 8.26
C SER C 145 18.65 11.93 8.60
N HIS C 146 17.81 12.04 7.58
CA HIS C 146 16.42 12.40 7.78
C HIS C 146 15.50 11.60 6.86
N THR C 147 14.20 11.69 7.11
CA THR C 147 13.19 10.95 6.35
C THR C 147 13.23 11.11 4.85
N ALA C 148 13.14 9.98 4.15
CA ALA C 148 13.14 9.96 2.70
C ALA C 148 11.71 10.05 2.19
N VAL C 149 11.40 11.12 1.45
CA VAL C 149 10.06 11.32 0.89
C VAL C 149 10.24 11.61 -0.59
N CYS C 150 9.67 10.74 -1.41
CA CYS C 150 9.79 10.89 -2.85
C CYS C 150 8.50 11.45 -3.45
N GLU C 151 8.67 12.15 -4.57
CA GLU C 151 7.56 12.77 -5.27
C GLU C 151 7.38 12.20 -6.67
N PHE C 152 6.12 12.06 -7.07
CA PHE C 152 5.73 11.57 -8.39
C PHE C 152 4.74 12.60 -8.91
N PRO C 153 4.71 12.84 -10.24
CA PRO C 153 3.84 13.82 -10.89
C PRO C 153 2.35 13.67 -10.65
N ALA C 154 1.64 14.79 -10.72
CA ALA C 154 0.19 14.79 -10.54
C ALA C 154 -0.42 13.95 -11.66
O5 A2G D . -31.09 16.62 7.15
O5 A2G D . -30.95 16.43 7.40
C1 A2G D . -29.67 16.52 7.04
C1 A2G D . -29.53 16.37 7.22
O1 A2G D . -29.16 16.24 8.29
O1 A2G D . -29.10 17.64 6.85
C2 A2G D . -29.29 15.40 6.07
C2 A2G D . -29.18 15.36 6.12
N2 A2G D . -27.85 15.33 5.92
N2 A2G D . -27.75 15.30 5.93
C3 A2G D . -29.93 15.65 4.69
C3 A2G D . -29.87 15.77 4.81
O3 A2G D . -29.70 14.55 3.84
O3 A2G D . -29.66 14.75 3.84
C4 A2G D . -31.45 15.88 4.84
C4 A2G D . -31.38 15.96 5.03
O4 A2G D . -32.06 14.67 5.23
O4 A2G D . -32.00 14.71 5.26
C5 A2G D . -31.72 16.97 5.89
C5 A2G D . -31.63 16.90 6.22
C6 A2G D . -33.20 17.15 6.16
C6 A2G D . -33.10 17.02 6.58
O6 A2G D . -33.41 17.93 7.33
O6 A2G D . -33.34 18.20 7.33
C7 A2G D . -27.15 14.43 6.60
C7 A2G D . -27.02 14.42 6.61
O7 A2G D . -27.66 13.61 7.36
O7 A2G D . -27.51 13.63 7.42
C8 A2G D . -25.64 14.43 6.40
C8 A2G D . -25.53 14.41 6.36
CA CA E . -34.53 10.40 -3.95
CA CA F . -31.46 12.87 3.49
CA CA G . 15.12 -14.78 -20.72
CL CL H . -29.55 13.87 -6.18
C1 NGA I . -1.56 -19.94 28.34
C2 NGA I . -0.84 -20.11 27.00
C3 NGA I . -0.96 -21.57 26.50
C4 NGA I . -0.53 -22.55 27.61
C5 NGA I . -1.29 -22.26 28.90
C6 NGA I . -0.82 -23.13 30.05
C7 NGA I . -0.88 -18.00 25.84
C8 NGA I . -1.53 -17.10 24.79
N2 NGA I . -1.41 -19.21 26.01
O1 NGA I . -1.33 -18.67 28.84
O3 NGA I . -0.14 -21.75 25.36
O4 NGA I . 0.87 -22.45 27.85
O5 NGA I . -1.07 -20.88 29.30
O6 NGA I . -1.90 -23.93 30.53
O7 NGA I . 0.09 -17.60 26.48
CA CA J . 5.49 -28.78 21.14
CA CA K . 2.27 -22.60 25.59
CA CA L . 4.27 -32.15 19.39
CL CL M . -0.07 -28.25 17.70
NA NA N . 0.90 -1.75 -4.11
C1 NGA O . 19.76 24.06 15.24
C2 NGA O . 19.52 23.69 13.78
C3 NGA O . 20.84 23.81 12.99
C4 NGA O . 21.49 25.19 13.24
C5 NGA O . 21.58 25.49 14.73
C6 NGA O . 22.12 26.86 15.05
C7 NGA O . 17.72 22.10 13.63
C8 NGA O . 17.27 20.65 13.60
N2 NGA O . 19.02 22.32 13.72
O1 NGA O . 18.57 24.00 15.95
O3 NGA O . 20.58 23.64 11.60
O4 NGA O . 20.73 26.20 12.60
O5 NGA O . 20.27 25.39 15.34
O6 NGA O . 22.68 26.88 16.36
O7 NGA O . 16.89 23.01 13.53
CA CA P . 24.78 26.41 2.99
CA CA Q . 20.30 25.59 10.10
CA CA R . -4.21 -15.82 -24.86
CL CL S . 25.98 20.23 3.90
#